data_2VIV
#
_entry.id   2VIV
#
_cell.length_a   52.338
_cell.length_b   54.001
_cell.length_c   81.938
_cell.angle_alpha   90.00
_cell.angle_beta   90.00
_cell.angle_gamma   90.00
#
_symmetry.space_group_name_H-M   'P 21 21 21'
#
loop_
_entity.id
_entity.type
_entity.pdbx_description
1 polymer 'UROKINASE-TYPE PLASMINOGEN ACTIVATOR CHAIN B'
2 non-polymer 'ACETATE ION'
3 non-polymer 4-(2-aminoethoxy)-N-(3-chloro-5-piperidin-1-ylphenyl)-3,5-dimethylbenzamide
4 water water
#
_entity_poly.entity_id   1
_entity_poly.type   'polypeptide(L)'
_entity_poly.pdbx_seq_one_letter_code
;IIGGEFTTIENQPWFAAIYRRHRGGSVTYVCGGSLISPCWVISATHCFIDYPKKEDYIVYLGRSRLNSNTQGEMKFEVEN
LILHKDYSADTLAHHNDIALLKIRSKEGRCAQPSRTIQTISLPSMYNDPQFGTSCEITGFGKENSTDYLYPEQLKMTVVK
LISHRECQQPHYYGSEVTTKMLCAADPQWKTDSCQGDSGGPLVCSLQGRMTLTGIVSWGRGCALKDKPGVYTRVSHFLPW
IRSHTKEENGLAL
;
_entity_poly.pdbx_strand_id   A
#
loop_
_chem_comp.id
_chem_comp.type
_chem_comp.name
_chem_comp.formula
ACT non-polymer 'ACETATE ION' 'C2 H3 O2 -1'
VG2 non-polymer 4-(2-aminoethoxy)-N-(3-chloro-5-piperidin-1-ylphenyl)-3,5-dimethylbenzamide 'C22 H28 Cl N3 O2'
#
# COMPACT_ATOMS: atom_id res chain seq x y z
N ILE A 1 -4.39 -9.99 -2.99
CA ILE A 1 -3.21 -10.71 -3.49
C ILE A 1 -3.62 -12.01 -4.23
N ILE A 2 -3.21 -12.13 -5.49
CA ILE A 2 -3.39 -13.37 -6.24
C ILE A 2 -2.18 -14.26 -5.91
N GLY A 3 -2.45 -15.52 -5.55
CA GLY A 3 -1.38 -16.42 -5.15
C GLY A 3 -0.79 -16.01 -3.83
N GLY A 4 0.49 -16.30 -3.61
CA GLY A 4 1.13 -16.04 -2.33
C GLY A 4 0.53 -16.89 -1.22
N GLU A 5 0.61 -16.41 0.02
CA GLU A 5 0.17 -17.20 1.18
C GLU A 5 -0.56 -16.31 2.20
N PHE A 6 -1.40 -16.92 3.01
CA PHE A 6 -1.93 -16.24 4.19
C PHE A 6 -0.81 -15.98 5.18
N THR A 7 -0.92 -14.89 5.91
CA THR A 7 0.17 -14.43 6.75
C THR A 7 -0.50 -13.86 7.99
N THR A 8 0.30 -13.37 8.93
CA THR A 8 -0.25 -12.77 10.14
C THR A 8 0.48 -11.48 10.37
N ILE A 9 -0.12 -10.58 11.14
CA ILE A 9 0.42 -9.25 11.29
C ILE A 9 1.86 -9.21 11.84
N GLU A 10 2.25 -10.22 12.61
CA GLU A 10 3.59 -10.27 13.18
C GLU A 10 4.66 -10.39 12.09
N ASN A 11 4.23 -10.87 10.92
CA ASN A 11 5.12 -10.95 9.76
C ASN A 11 5.19 -9.65 8.95
N GLN A 12 4.24 -8.74 9.17
CA GLN A 12 4.12 -7.48 8.40
C GLN A 12 3.67 -6.41 9.39
N PRO A 13 4.43 -6.16 10.47
CA PRO A 13 3.88 -5.34 11.55
C PRO A 13 3.67 -3.86 11.24
N TRP A 14 4.19 -3.40 10.11
CA TRP A 14 3.92 -2.02 9.64
C TRP A 14 2.60 -1.91 8.85
N PHE A 15 1.93 -3.03 8.60
CA PHE A 15 0.78 -2.97 7.71
C PHE A 15 -0.40 -2.32 8.41
N ALA A 16 -1.07 -1.41 7.72
CA ALA A 16 -2.23 -0.73 8.28
C ALA A 16 -3.48 -1.05 7.45
N ALA A 17 -4.56 -1.38 8.13
CA ALA A 17 -5.83 -1.75 7.51
C ALA A 17 -6.79 -0.55 7.63
N ILE A 18 -7.21 0.01 6.50
CA ILE A 18 -7.99 1.24 6.52
C ILE A 18 -9.43 0.96 6.10
N TYR A 19 -10.38 1.49 6.89
CA TYR A 19 -11.81 1.22 6.65
C TYR A 19 -12.56 2.54 6.59
N ARG A 20 -13.76 2.50 6.04
CA ARG A 20 -14.63 3.67 5.99
C ARG A 20 -16.00 3.37 6.60
N ARG A 21 -16.50 4.30 7.40
CA ARG A 21 -17.81 4.21 8.01
C ARG A 21 -18.87 4.72 7.04
N HIS A 22 -20.04 4.13 7.10
CA HIS A 22 -21.14 4.56 6.25
C HIS A 22 -22.31 5.00 7.11
N ARG A 23 -23.14 5.90 6.55
CA ARG A 23 -24.43 6.21 7.18
C ARG A 23 -25.22 4.92 7.37
N GLY A 24 -25.61 4.66 8.61
CA GLY A 24 -26.32 3.43 8.95
C GLY A 24 -25.45 2.57 9.83
N GLY A 25 -24.15 2.80 9.77
CA GLY A 25 -23.21 2.22 10.70
C GLY A 25 -22.39 1.05 10.17
N SER A 26 -22.55 0.71 8.89
CA SER A 26 -21.68 -0.31 8.31
C SER A 26 -20.26 0.23 8.05
N VAL A 27 -19.28 -0.64 8.20
CA VAL A 27 -17.90 -0.30 7.91
C VAL A 27 -17.45 -1.17 6.76
N THR A 28 -16.80 -0.59 5.76
CA THR A 28 -16.23 -1.37 4.67
C THR A 28 -14.72 -1.18 4.61
N TYR A 29 -13.99 -2.21 4.19
CA TYR A 29 -12.56 -2.06 3.96
C TYR A 29 -12.29 -1.14 2.77
N VAL A 30 -11.32 -0.26 2.94
CA VAL A 30 -10.97 0.69 1.86
C VAL A 30 -9.69 0.23 1.15
N CYS A 31 -8.58 0.22 1.88
CA CYS A 31 -7.27 -0.01 1.27
C CYS A 31 -6.26 -0.34 2.38
N GLY A 32 -5.08 -0.76 2.01
CA GLY A 32 -4.01 -0.91 3.00
C GLY A 32 -3.21 0.39 3.10
N GLY A 33 -2.24 0.36 4.00
CA GLY A 33 -1.30 1.45 4.25
C GLY A 33 -0.10 0.89 5.00
N SER A 34 0.86 1.77 5.33
CA SER A 34 2.06 1.37 6.03
C SER A 34 2.42 2.38 7.11
N LEU A 35 2.70 1.91 8.31
CA LEU A 35 3.13 2.79 9.37
C LEU A 35 4.56 3.27 9.12
N ILE A 36 4.75 4.58 8.87
CA ILE A 36 6.10 5.13 8.65
C ILE A 36 6.67 5.88 9.87
N SER A 37 5.80 6.20 10.81
CA SER A 37 6.23 6.66 12.13
C SER A 37 5.04 6.53 13.07
N PRO A 38 5.24 6.75 14.38
CA PRO A 38 4.12 6.46 15.29
C PRO A 38 2.81 7.11 14.91
N CYS A 39 2.88 8.35 14.40
CA CYS A 39 1.68 9.12 14.10
C CYS A 39 1.23 9.07 12.65
N TRP A 40 1.99 8.42 11.78
CA TRP A 40 1.76 8.60 10.35
C TRP A 40 1.67 7.26 9.61
N VAL A 41 0.61 7.09 8.84
CA VAL A 41 0.44 5.95 7.92
C VAL A 41 0.49 6.52 6.49
N ILE A 42 1.20 5.84 5.59
CA ILE A 42 1.27 6.28 4.19
C ILE A 42 0.47 5.30 3.30
N SER A 43 -0.28 5.83 2.34
CA SER A 43 -1.19 5.03 1.53
C SER A 43 -1.28 5.67 0.13
N ALA A 44 -2.39 5.44 -0.56
CA ALA A 44 -2.57 5.90 -1.94
C ALA A 44 -3.75 6.87 -2.00
N THR A 45 -3.55 8.01 -2.67
CA THR A 45 -4.60 9.01 -2.84
C THR A 45 -5.86 8.46 -3.48
N HIS A 46 -5.71 7.55 -4.45
CA HIS A 46 -6.89 7.08 -5.17
C HIS A 46 -7.87 6.37 -4.24
N CYS A 47 -7.38 5.98 -3.06
CA CYS A 47 -8.23 5.27 -2.11
C CYS A 47 -9.26 6.21 -1.49
N PHE A 48 -8.95 7.50 -1.47
CA PHE A 48 -9.71 8.48 -0.68
C PHE A 48 -10.37 9.60 -1.45
N ILE A 49 -9.99 9.76 -2.70
CA ILE A 49 -10.27 10.98 -3.45
C ILE A 49 -11.79 11.28 -3.58
N ASP A 50 -12.63 10.26 -3.53
CA ASP A 50 -14.07 10.44 -3.67
C ASP A 50 -14.78 10.67 -2.33
N TYR A 51 -14.09 10.36 -1.24
CA TYR A 51 -14.62 10.50 0.12
C TYR A 51 -13.52 11.09 1.00
N PRO A 52 -13.16 12.35 0.75
CA PRO A 52 -11.98 12.92 1.40
C PRO A 52 -12.21 13.41 2.86
N LYS A 53 -13.31 13.03 3.48
CA LYS A 53 -13.59 13.50 4.84
C LYS A 53 -12.92 12.61 5.90
N LYS A 54 -12.03 13.17 6.70
CA LYS A 54 -11.16 12.33 7.53
C LYS A 54 -11.93 11.60 8.62
N GLU A 55 -13.05 12.20 9.03
CA GLU A 55 -13.89 11.61 10.05
C GLU A 55 -14.49 10.27 9.67
N ASP A 56 -14.58 9.98 8.38
CA ASP A 56 -15.21 8.75 7.89
C ASP A 56 -14.33 7.51 8.07
N TYR A 57 -13.07 7.70 8.48
CA TYR A 57 -12.09 6.62 8.39
C TYR A 57 -11.67 6.03 9.72
N ILE A 58 -11.34 4.74 9.70
CA ILE A 58 -10.83 4.03 10.87
C ILE A 58 -9.58 3.31 10.39
N VAL A 59 -8.51 3.38 11.17
CA VAL A 59 -7.25 2.71 10.80
C VAL A 59 -6.96 1.72 11.91
N TYR A 60 -6.69 0.47 11.54
CA TYR A 60 -6.18 -0.50 12.50
C TYR A 60 -4.71 -0.79 12.25
N LEU A 61 -3.98 -1.01 13.33
CA LEU A 61 -2.65 -1.61 13.28
C LEU A 61 -2.71 -2.89 14.09
N GLY A 62 -1.73 -3.77 13.87
CA GLY A 62 -1.66 -5.06 14.53
C GLY A 62 -2.85 -5.97 14.22
N ARG A 63 -3.48 -5.75 13.07
CA ARG A 63 -4.66 -6.51 12.68
C ARG A 63 -4.37 -7.51 11.54
N SER A 64 -4.65 -8.79 11.79
CA SER A 64 -4.40 -9.87 10.81
C SER A 64 -5.64 -10.28 10.02
N ARG A 65 -6.82 -9.94 10.53
CA ARG A 65 -8.07 -10.39 9.92
C ARG A 65 -8.98 -9.22 9.57
N LEU A 66 -9.74 -9.39 8.51
CA LEU A 66 -10.50 -8.30 7.92
C LEU A 66 -11.65 -7.83 8.80
N ASN A 67 -12.40 -8.78 9.35
CA ASN A 67 -13.69 -8.46 9.96
C ASN A 67 -13.79 -9.01 11.38
N SER A 68 -12.65 -9.34 11.97
CA SER A 68 -12.62 -9.81 13.35
C SER A 68 -11.36 -9.29 14.02
N ASN A 69 -11.33 -9.38 15.35
CA ASN A 69 -10.25 -8.79 16.14
C ASN A 69 -9.00 -9.66 16.20
N THR A 70 -7.84 -9.00 16.30
CA THR A 70 -6.57 -9.69 16.53
C THR A 70 -6.05 -9.21 17.87
N GLN A 71 -5.54 -10.14 18.69
CA GLN A 71 -4.99 -9.77 19.99
C GLN A 71 -3.83 -8.78 19.79
N GLY A 72 -3.86 -7.67 20.53
CA GLY A 72 -2.82 -6.66 20.45
C GLY A 72 -3.10 -5.55 19.45
N GLU A 73 -4.16 -5.70 18.65
CA GLU A 73 -4.47 -4.72 17.62
C GLU A 73 -4.87 -3.41 18.26
N MET A 74 -4.70 -2.32 17.51
CA MET A 74 -5.06 -0.99 17.99
C MET A 74 -5.79 -0.17 16.93
N LYS A 75 -6.79 0.58 17.38
CA LYS A 75 -7.71 1.30 16.49
C LYS A 75 -7.45 2.82 16.60
N PHE A 76 -7.51 3.49 15.45
CA PHE A 76 -7.15 4.90 15.35
C PHE A 76 -8.16 5.66 14.50
N GLU A 77 -8.46 6.88 14.91
CA GLU A 77 -9.14 7.85 14.07
C GLU A 77 -8.08 8.50 13.17
N VAL A 78 -8.53 9.16 12.12
CA VAL A 78 -7.66 9.97 11.27
C VAL A 78 -7.72 11.43 11.65
N GLU A 79 -6.63 11.93 12.20
CA GLU A 79 -6.55 13.32 12.65
C GLU A 79 -6.36 14.27 11.48
N ASN A 80 -5.72 13.78 10.43
CA ASN A 80 -5.50 14.57 9.22
C ASN A 80 -5.36 13.63 8.01
N LEU A 81 -6.16 13.88 6.97
CA LEU A 81 -6.09 13.07 5.76
C LEU A 81 -5.49 13.93 4.64
N ILE A 82 -4.27 13.58 4.23
CA ILE A 82 -3.53 14.38 3.27
C ILE A 82 -3.42 13.69 1.92
N LEU A 83 -4.03 14.30 0.92
CA LEU A 83 -4.03 13.73 -0.42
C LEU A 83 -3.05 14.54 -1.26
N HIS A 84 -2.51 13.94 -2.31
CA HIS A 84 -1.58 14.65 -3.17
C HIS A 84 -2.32 15.59 -4.15
N LYS A 85 -1.98 16.88 -4.08
CA LYS A 85 -2.70 17.88 -4.84
C LYS A 85 -2.53 17.70 -6.33
N ASP A 86 -1.50 16.95 -6.73
CA ASP A 86 -1.24 16.66 -8.15
C ASP A 86 -1.72 15.26 -8.55
N TYR A 87 -2.49 14.61 -7.68
CA TYR A 87 -3.03 13.31 -8.04
C TYR A 87 -3.86 13.42 -9.32
N SER A 88 -3.70 12.45 -10.21
CA SER A 88 -4.60 12.36 -11.36
C SER A 88 -4.70 10.92 -11.86
N ALA A 89 -5.70 10.66 -12.69
CA ALA A 89 -5.90 9.31 -13.24
C ALA A 89 -6.24 9.35 -14.73
N ASP A 90 -5.54 8.54 -15.51
CA ASP A 90 -5.83 8.38 -16.93
C ASP A 90 -6.62 7.09 -17.14
N THR A 91 -6.51 6.52 -18.34
CA THR A 91 -7.23 5.29 -18.63
C THR A 91 -6.81 4.21 -17.62
N LEU A 92 -5.51 4.01 -17.50
CA LEU A 92 -4.95 2.99 -16.61
C LEU A 92 -4.20 3.61 -15.45
N ALA A 93 -3.30 4.55 -15.77
CA ALA A 93 -2.32 5.02 -14.82
C ALA A 93 -2.89 5.97 -13.79
N HIS A 94 -2.45 5.84 -12.55
CA HIS A 94 -2.68 6.86 -11.53
C HIS A 94 -1.36 7.55 -11.25
N HIS A 95 -1.40 8.88 -11.20
CA HIS A 95 -0.22 9.71 -11.02
C HIS A 95 -0.22 10.31 -9.63
N ASN A 96 0.96 10.42 -9.04
CA ASN A 96 1.14 10.94 -7.69
C ASN A 96 0.14 10.28 -6.75
N ASP A 97 0.17 8.97 -6.76
CA ASP A 97 -0.83 8.18 -6.06
C ASP A 97 -0.32 7.84 -4.65
N ILE A 98 -0.42 8.85 -3.80
CA ILE A 98 0.24 8.79 -2.50
C ILE A 98 -0.54 9.66 -1.53
N ALA A 99 -0.73 9.17 -0.32
CA ALA A 99 -1.48 9.90 0.70
C ALA A 99 -0.88 9.65 2.06
N LEU A 100 -1.19 10.56 2.99
CA LEU A 100 -0.75 10.47 4.38
C LEU A 100 -1.95 10.56 5.31
N LEU A 101 -2.01 9.65 6.28
CA LEU A 101 -3.04 9.70 7.32
C LEU A 101 -2.37 9.88 8.67
N LYS A 102 -2.61 11.01 9.30
CA LYS A 102 -2.12 11.20 10.65
C LYS A 102 -3.12 10.54 11.59
N ILE A 103 -2.63 9.57 12.34
CA ILE A 103 -3.51 8.71 13.12
C ILE A 103 -3.50 9.13 14.59
N ARG A 104 -4.64 8.90 15.25
CA ARG A 104 -4.68 9.07 16.70
C ARG A 104 -5.79 8.28 17.39
N SER A 105 -5.44 7.61 18.49
CA SER A 105 -6.44 6.85 19.26
C SER A 105 -7.50 7.82 19.76
N LYS A 106 -8.61 7.26 20.23
CA LYS A 106 -9.64 8.07 20.84
C LYS A 106 -9.14 8.85 22.06
N GLU A 107 -8.04 8.39 22.67
CA GLU A 107 -7.40 9.17 23.75
C GLU A 107 -6.37 10.20 23.33
N GLY A 108 -6.10 10.29 22.03
CA GLY A 108 -5.26 11.34 21.49
C GLY A 108 -3.82 10.92 21.27
N ARG A 109 -3.55 9.63 21.40
CA ARG A 109 -2.20 9.10 21.26
C ARG A 109 -1.89 8.46 19.90
N CYS A 110 -0.62 8.42 19.56
CA CYS A 110 -0.17 7.74 18.36
C CYS A 110 0.06 6.27 18.64
N ALA A 111 0.58 5.55 17.65
CA ALA A 111 0.83 4.12 17.82
C ALA A 111 1.95 3.86 18.84
N GLN A 112 1.75 2.83 19.63
CA GLN A 112 2.79 2.33 20.52
C GLN A 112 3.36 1.06 19.89
N PRO A 113 4.66 1.04 19.57
CA PRO A 113 5.16 -0.17 18.92
C PRO A 113 5.13 -1.40 19.84
N SER A 114 5.04 -2.58 19.25
CA SER A 114 4.92 -3.83 19.98
C SER A 114 5.44 -4.89 19.03
N ARG A 115 5.31 -6.15 19.40
CA ARG A 115 5.68 -7.21 18.46
C ARG A 115 4.87 -7.14 17.16
N THR A 116 3.66 -6.64 17.23
CA THR A 116 2.78 -6.67 16.06
C THR A 116 2.57 -5.33 15.41
N ILE A 117 3.19 -4.29 15.97
CA ILE A 117 3.03 -2.95 15.47
C ILE A 117 4.41 -2.30 15.40
N GLN A 118 4.89 -2.08 14.19
CA GLN A 118 6.24 -1.55 13.99
C GLN A 118 6.29 -0.62 12.78
N THR A 119 7.16 0.38 12.80
CA THR A 119 7.39 1.24 11.62
C THR A 119 8.24 0.54 10.57
N ILE A 120 8.07 0.94 9.31
CA ILE A 120 8.90 0.49 8.19
C ILE A 120 9.67 1.72 7.71
N SER A 121 10.93 1.52 7.37
CA SER A 121 11.78 2.63 6.94
C SER A 121 11.45 3.12 5.54
N LEU A 122 11.60 4.42 5.36
CA LEU A 122 11.56 5.01 4.01
C LEU A 122 12.90 4.79 3.32
N PRO A 123 12.90 4.80 1.98
CA PRO A 123 14.16 4.73 1.24
C PRO A 123 14.85 6.08 1.26
N SER A 124 16.13 6.12 0.89
CA SER A 124 16.80 7.41 0.70
C SER A 124 16.51 7.90 -0.71
N MET A 125 16.81 9.17 -0.96
CA MET A 125 16.37 9.84 -2.19
C MET A 125 16.82 9.14 -3.45
N TYR A 126 15.84 8.81 -4.30
CA TYR A 126 16.06 8.04 -5.51
C TYR A 126 16.91 6.80 -5.31
N ASN A 127 16.87 6.21 -4.12
CA ASN A 127 17.60 4.95 -3.88
C ASN A 127 16.66 3.75 -3.97
N ASP A 128 16.72 3.05 -5.11
CA ASP A 128 15.89 1.88 -5.35
C ASP A 128 16.70 0.62 -5.62
N PRO A 129 16.14 -0.55 -5.26
CA PRO A 129 16.88 -1.80 -5.51
C PRO A 129 17.02 -1.93 -7.02
N GLN A 130 17.95 -2.77 -7.47
CA GLN A 130 18.10 -2.98 -8.90
C GLN A 130 16.94 -3.83 -9.45
N PHE A 131 16.60 -3.66 -10.72
CA PHE A 131 15.56 -4.50 -11.29
C PHE A 131 15.97 -5.96 -11.21
N GLY A 132 14.99 -6.84 -11.03
CA GLY A 132 15.25 -8.23 -10.71
C GLY A 132 15.27 -8.55 -9.22
N THR A 133 15.29 -7.52 -8.36
CA THR A 133 15.22 -7.71 -6.90
C THR A 133 13.86 -8.29 -6.52
N SER A 134 13.84 -9.22 -5.57
CA SER A 134 12.59 -9.77 -5.05
C SER A 134 12.12 -8.92 -3.89
N CYS A 135 10.85 -8.51 -3.94
CA CYS A 135 10.26 -7.71 -2.86
C CYS A 135 8.90 -8.30 -2.50
N GLU A 136 8.36 -7.94 -1.34
CA GLU A 136 7.10 -8.51 -0.88
C GLU A 136 5.98 -7.49 -0.89
N ILE A 137 4.77 -7.96 -1.18
CA ILE A 137 3.58 -7.12 -1.05
C ILE A 137 2.66 -7.81 -0.03
N THR A 138 1.87 -7.00 0.66
CA THR A 138 0.94 -7.48 1.68
C THR A 138 -0.42 -6.81 1.46
N GLY A 139 -1.51 -7.54 1.70
CA GLY A 139 -2.83 -6.94 1.56
C GLY A 139 -4.03 -7.84 1.75
N PHE A 140 -5.19 -7.19 1.87
CA PHE A 140 -6.47 -7.87 2.01
C PHE A 140 -7.21 -7.83 0.67
N GLY A 141 -6.48 -7.59 -0.42
CA GLY A 141 -7.09 -7.57 -1.73
C GLY A 141 -7.59 -8.91 -2.24
N LYS A 142 -8.29 -8.86 -3.37
CA LYS A 142 -8.88 -10.04 -4.00
C LYS A 142 -7.83 -11.09 -4.25
N GLU A 143 -8.25 -12.35 -4.08
CA GLU A 143 -7.41 -13.52 -4.37
C GLU A 143 -7.59 -13.99 -5.79
N ASN A 144 -8.71 -13.62 -6.38
CA ASN A 144 -8.97 -13.88 -7.81
C ASN A 144 -9.74 -12.67 -8.39
N SER A 145 -9.54 -12.35 -9.67
CA SER A 145 -10.26 -11.23 -10.26
C SER A 145 -11.78 -11.41 -10.25
N THR A 146 -12.23 -12.67 -10.24
CA THR A 146 -13.65 -12.99 -10.22
C THR A 146 -14.26 -12.88 -8.80
N ASP A 147 -13.41 -12.74 -7.78
CA ASP A 147 -13.93 -12.58 -6.43
C ASP A 147 -14.70 -11.27 -6.27
N TYR A 148 -15.74 -11.27 -5.43
CA TYR A 148 -16.48 -10.05 -5.13
C TYR A 148 -16.37 -9.68 -3.66
N LEU A 149 -15.81 -10.59 -2.86
CA LEU A 149 -15.44 -10.28 -1.49
C LEU A 149 -13.93 -10.41 -1.31
N TYR A 150 -13.39 -9.61 -0.38
CA TYR A 150 -11.99 -9.75 0.05
C TYR A 150 -11.75 -10.96 0.96
N PRO A 151 -10.53 -11.51 0.96
CA PRO A 151 -10.32 -12.58 1.95
C PRO A 151 -10.44 -12.07 3.36
N GLU A 152 -10.69 -12.97 4.30
CA GLU A 152 -10.78 -12.58 5.72
C GLU A 152 -9.41 -12.49 6.38
N GLN A 153 -8.45 -13.21 5.83
CA GLN A 153 -7.11 -13.26 6.40
C GLN A 153 -6.10 -12.53 5.49
N LEU A 154 -5.25 -11.70 6.11
CA LEU A 154 -4.17 -10.99 5.40
C LEU A 154 -3.31 -11.96 4.57
N LYS A 155 -2.87 -11.50 3.39
CA LYS A 155 -1.97 -12.29 2.55
C LYS A 155 -0.68 -11.57 2.26
N MET A 156 0.33 -12.33 1.82
CA MET A 156 1.54 -11.74 1.29
C MET A 156 2.01 -12.56 0.12
N THR A 157 2.83 -11.93 -0.73
CA THR A 157 3.50 -12.67 -1.80
C THR A 157 4.80 -11.98 -2.17
N VAL A 158 5.58 -12.58 -3.08
CA VAL A 158 6.87 -12.03 -3.49
C VAL A 158 6.82 -11.83 -4.99
N VAL A 159 7.24 -10.65 -5.43
CA VAL A 159 7.28 -10.29 -6.85
C VAL A 159 8.66 -9.71 -7.11
N LYS A 160 9.07 -9.64 -8.38
CA LYS A 160 10.36 -9.07 -8.74
C LYS A 160 10.21 -7.71 -9.43
N LEU A 161 11.11 -6.81 -9.11
CA LEU A 161 11.09 -5.49 -9.75
C LEU A 161 11.38 -5.65 -11.25
N ILE A 162 10.64 -4.90 -12.05
CA ILE A 162 10.77 -4.94 -13.51
C ILE A 162 11.34 -3.59 -13.98
N SER A 163 12.28 -3.62 -14.93
CA SER A 163 12.93 -2.39 -15.38
C SER A 163 11.94 -1.42 -16.02
N HIS A 164 12.24 -0.13 -16.02
CA HIS A 164 11.36 0.77 -16.76
C HIS A 164 11.33 0.42 -18.23
N ARG A 165 12.46 0.02 -18.76
CA ARG A 165 12.54 -0.32 -20.18
C ARG A 165 11.59 -1.47 -20.53
N GLU A 166 11.55 -2.50 -19.68
CA GLU A 166 10.63 -3.61 -19.93
C GLU A 166 9.18 -3.11 -19.76
N CYS A 167 8.94 -2.37 -18.68
CA CYS A 167 7.57 -2.00 -18.38
C CYS A 167 6.97 -1.04 -19.38
N GLN A 168 7.82 -0.24 -20.02
CA GLN A 168 7.36 0.77 -20.98
C GLN A 168 7.27 0.27 -22.42
N GLN A 169 7.46 -1.02 -22.65
CA GLN A 169 7.19 -1.56 -23.97
C GLN A 169 5.73 -1.29 -24.34
N PRO A 170 5.45 -1.05 -25.62
CA PRO A 170 4.06 -0.70 -25.98
C PRO A 170 3.03 -1.75 -25.53
N HIS A 171 3.41 -3.02 -25.57
CA HIS A 171 2.51 -4.09 -25.18
C HIS A 171 2.40 -4.30 -23.66
N TYR A 172 3.31 -3.69 -22.90
CA TYR A 172 3.13 -3.61 -21.46
C TYR A 172 2.26 -2.39 -21.21
N TYR A 173 2.86 -1.28 -20.80
CA TYR A 173 2.08 -0.06 -20.53
C TYR A 173 2.60 1.14 -21.34
N GLY A 174 3.60 0.91 -22.19
CA GLY A 174 4.18 2.04 -22.93
C GLY A 174 4.59 3.19 -22.02
N SER A 175 4.32 4.42 -22.46
CA SER A 175 4.68 5.61 -21.68
C SER A 175 3.72 5.95 -20.55
N GLU A 176 2.67 5.14 -20.37
CA GLU A 176 1.78 5.30 -19.21
C GLU A 176 2.54 5.14 -17.89
N VAL A 177 3.54 4.26 -17.88
CA VAL A 177 4.44 4.15 -16.73
C VAL A 177 5.51 5.25 -16.75
N THR A 178 5.64 5.97 -15.64
CA THR A 178 6.58 7.10 -15.57
C THR A 178 7.73 6.80 -14.62
N THR A 179 8.60 7.79 -14.44
CA THR A 179 9.78 7.67 -13.56
C THR A 179 9.36 7.71 -12.10
N LYS A 180 8.13 8.11 -11.85
CA LYS A 180 7.64 8.19 -10.48
C LYS A 180 6.90 6.91 -10.09
N MET A 181 7.02 5.89 -10.94
CA MET A 181 6.38 4.59 -10.72
C MET A 181 7.40 3.47 -10.78
N LEU A 182 7.03 2.34 -10.22
CA LEU A 182 7.83 1.13 -10.32
C LEU A 182 6.93 -0.04 -10.72
N CYS A 183 7.37 -0.86 -11.68
CA CYS A 183 6.66 -2.09 -12.01
C CYS A 183 7.27 -3.29 -11.29
N ALA A 184 6.41 -4.22 -10.90
CA ALA A 184 6.83 -5.49 -10.30
C ALA A 184 5.82 -6.56 -10.64
N ALA A 185 6.33 -7.77 -10.81
CA ALA A 185 5.51 -8.87 -11.29
C ALA A 185 6.18 -10.20 -10.97
N ASP A 186 5.42 -11.26 -11.15
CA ASP A 186 5.93 -12.63 -11.05
C ASP A 186 6.41 -13.04 -12.44
N PRO A 187 7.63 -13.62 -12.55
CA PRO A 187 8.19 -14.01 -13.85
C PRO A 187 7.25 -14.94 -14.61
N GLN A 188 6.50 -15.76 -13.86
CA GLN A 188 5.51 -16.65 -14.46
C GLN A 188 4.08 -16.08 -14.43
N TRP A 189 3.94 -14.84 -13.98
CA TRP A 189 2.63 -14.17 -14.01
C TRP A 189 1.56 -14.87 -13.22
N LYS A 190 1.92 -15.50 -12.10
CA LYS A 190 0.95 -16.26 -11.32
C LYS A 190 0.59 -15.58 -10.00
N THR A 191 1.39 -14.62 -9.56
CA THR A 191 1.11 -13.93 -8.29
C THR A 191 1.23 -12.40 -8.50
N ASP A 192 0.46 -11.60 -7.75
CA ASP A 192 0.34 -10.16 -8.07
C ASP A 192 -0.51 -9.53 -6.96
N SER A 193 -0.52 -8.20 -6.94
CA SER A 193 -1.50 -7.43 -6.18
C SER A 193 -2.80 -7.43 -6.97
N CYS A 194 -3.91 -7.07 -6.32
CA CYS A 194 -5.18 -7.00 -7.06
C CYS A 194 -6.04 -5.93 -6.41
N GLN A 195 -7.25 -5.74 -6.90
CA GLN A 195 -8.15 -4.77 -6.28
C GLN A 195 -8.28 -5.04 -4.77
N GLY A 196 -8.14 -3.98 -3.99
CA GLY A 196 -8.19 -4.08 -2.55
C GLY A 196 -6.80 -4.01 -1.93
N ASP A 197 -5.78 -4.34 -2.70
CA ASP A 197 -4.40 -4.19 -2.20
C ASP A 197 -3.84 -2.77 -2.31
N SER A 198 -4.53 -1.91 -3.04
CA SER A 198 -4.08 -0.52 -3.19
C SER A 198 -3.69 0.12 -1.86
N GLY A 199 -2.67 0.99 -1.88
CA GLY A 199 -2.22 1.71 -0.68
C GLY A 199 -1.25 0.93 0.20
N GLY A 200 -1.24 -0.40 0.04
CA GLY A 200 -0.37 -1.23 0.85
C GLY A 200 1.09 -1.17 0.42
N PRO A 201 1.98 -1.86 1.17
CA PRO A 201 3.43 -1.73 0.94
C PRO A 201 3.99 -2.68 -0.11
N LEU A 202 4.95 -2.18 -0.87
CA LEU A 202 5.90 -3.04 -1.60
C LEU A 202 7.23 -2.86 -0.82
N VAL A 203 7.62 -3.91 -0.09
CA VAL A 203 8.80 -3.86 0.79
C VAL A 203 9.99 -4.56 0.15
N CYS A 204 11.14 -3.88 0.08
CA CYS A 204 12.36 -4.49 -0.46
C CYS A 204 13.48 -4.32 0.55
N SER A 205 14.42 -5.25 0.56
CA SER A 205 15.59 -5.14 1.42
C SER A 205 16.61 -4.25 0.72
N LEU A 206 16.85 -3.07 1.27
CA LEU A 206 17.75 -2.11 0.63
C LEU A 206 18.95 -1.91 1.55
N GLN A 207 20.13 -2.35 1.11
CA GLN A 207 21.35 -2.18 1.91
C GLN A 207 21.15 -2.73 3.32
N GLY A 208 20.55 -3.91 3.40
CA GLY A 208 20.38 -4.64 4.65
C GLY A 208 19.22 -4.15 5.49
N ARG A 209 18.39 -3.29 4.89
CA ARG A 209 17.31 -2.71 5.67
C ARG A 209 15.99 -2.92 4.92
N MET A 210 14.95 -3.30 5.64
CA MET A 210 13.59 -3.44 5.09
CA MET A 210 13.63 -3.44 5.03
C MET A 210 13.07 -2.04 4.76
N THR A 211 12.70 -1.83 3.51
CA THR A 211 12.42 -0.48 3.03
C THR A 211 11.09 -0.46 2.30
N LEU A 212 10.30 0.57 2.58
CA LEU A 212 9.10 0.91 1.77
C LEU A 212 9.48 1.52 0.43
N THR A 213 9.76 0.64 -0.52
CA THR A 213 10.13 1.01 -1.88
C THR A 213 8.92 1.48 -2.71
N GLY A 214 7.79 0.82 -2.54
CA GLY A 214 6.60 1.16 -3.29
C GLY A 214 5.30 1.14 -2.51
N ILE A 215 4.27 1.70 -3.13
CA ILE A 215 2.90 1.67 -2.62
C ILE A 215 2.01 1.13 -3.75
N VAL A 216 1.26 0.05 -3.48
CA VAL A 216 0.36 -0.51 -4.48
C VAL A 216 -0.52 0.55 -5.12
N SER A 217 -0.50 0.65 -6.45
CA SER A 217 -1.21 1.78 -7.08
C SER A 217 -2.18 1.36 -8.19
N TRP A 218 -1.67 0.68 -9.22
CA TRP A 218 -2.53 0.34 -10.35
C TRP A 218 -1.98 -0.81 -11.19
N GLY A 219 -2.78 -1.24 -12.18
CA GLY A 219 -2.32 -2.15 -13.21
C GLY A 219 -3.53 -2.62 -14.01
N ARG A 220 -3.29 -3.40 -15.04
CA ARG A 220 -4.36 -3.94 -15.89
C ARG A 220 -4.63 -5.38 -15.46
N GLY A 221 -5.78 -5.60 -14.80
CA GLY A 221 -6.16 -6.92 -14.36
C GLY A 221 -5.25 -7.38 -13.24
N CYS A 222 -5.29 -8.67 -12.94
CA CYS A 222 -4.45 -9.22 -11.86
C CYS A 222 -3.76 -10.48 -12.31
N ALA A 223 -2.42 -10.47 -12.29
CA ALA A 223 -1.60 -11.63 -12.67
C ALA A 223 -1.86 -11.96 -14.12
N LEU A 224 -1.98 -10.92 -14.95
CA LEU A 224 -2.09 -11.10 -16.41
C LEU A 224 -0.72 -10.97 -17.07
N LYS A 225 -0.42 -11.86 -18.02
CA LYS A 225 0.86 -11.83 -18.72
C LYS A 225 1.10 -10.45 -19.35
N ASP A 226 2.32 -9.94 -19.16
CA ASP A 226 2.77 -8.68 -19.76
C ASP A 226 2.09 -7.46 -19.14
N LYS A 227 1.45 -7.66 -17.99
CA LYS A 227 0.82 -6.52 -17.31
C LYS A 227 1.21 -6.48 -15.83
N PRO A 228 2.37 -5.90 -15.53
CA PRO A 228 2.87 -5.92 -14.14
C PRO A 228 1.99 -5.10 -13.18
N GLY A 229 2.13 -5.35 -11.88
CA GLY A 229 1.57 -4.42 -10.91
C GLY A 229 2.41 -3.16 -10.95
N VAL A 230 1.75 -2.01 -10.83
CA VAL A 230 2.44 -0.71 -10.79
C VAL A 230 2.27 -0.03 -9.44
N TYR A 231 3.38 0.51 -8.96
CA TYR A 231 3.55 1.02 -7.61
C TYR A 231 4.07 2.46 -7.65
N THR A 232 3.60 3.28 -6.71
CA THR A 232 4.17 4.60 -6.50
C THR A 232 5.59 4.40 -6.05
N ARG A 233 6.52 5.08 -6.70
CA ARG A 233 7.93 4.96 -6.38
C ARG A 233 8.27 5.90 -5.20
N VAL A 234 8.26 5.35 -3.98
CA VAL A 234 8.34 6.18 -2.76
C VAL A 234 9.58 7.11 -2.76
N SER A 235 10.70 6.61 -3.28
CA SER A 235 11.98 7.37 -3.28
C SER A 235 11.93 8.65 -4.11
N HIS A 236 10.90 8.80 -4.93
CA HIS A 236 10.69 10.04 -5.66
C HIS A 236 9.69 10.96 -5.02
N PHE A 237 9.25 10.65 -3.80
CA PHE A 237 8.32 11.53 -3.11
C PHE A 237 8.80 12.03 -1.74
N LEU A 238 10.09 11.91 -1.45
CA LEU A 238 10.55 12.24 -0.10
C LEU A 238 10.31 13.70 0.30
N PRO A 239 10.47 14.66 -0.64
CA PRO A 239 10.22 16.03 -0.18
C PRO A 239 8.75 16.24 0.15
N TRP A 240 7.88 15.63 -0.65
CA TRP A 240 6.47 15.68 -0.37
C TRP A 240 6.16 15.08 1.00
N ILE A 241 6.74 13.92 1.29
CA ILE A 241 6.47 13.25 2.57
C ILE A 241 7.00 14.11 3.71
N ARG A 242 8.26 14.53 3.59
CA ARG A 242 8.88 15.41 4.59
C ARG A 242 8.02 16.64 4.91
N SER A 243 7.54 17.32 3.88
CA SER A 243 6.81 18.58 4.08
C SER A 243 5.45 18.42 4.74
N HIS A 244 4.75 17.34 4.41
CA HIS A 244 3.39 17.15 4.91
C HIS A 244 3.35 16.50 6.27
N THR A 245 4.47 15.92 6.71
CA THR A 245 4.59 15.41 8.06
C THR A 245 5.29 16.42 8.95
N LYS A 246 4.75 17.63 9.01
CA LYS A 246 5.33 18.72 9.82
C LYS A 246 4.23 19.66 10.32
N GLU A 247 3.87 20.65 9.50
CA GLU A 247 2.69 21.48 9.74
C GLU A 247 1.87 21.49 8.44
N GLU A 248 2.15 20.65 7.56
C ACT B . -8.50 -0.44 -4.43
O ACT B . -7.64 -1.33 -4.67
OXT ACT B . -8.33 0.77 -4.73
CH3 ACT B . -9.79 -0.85 -3.77
N1 VG2 C . -12.48 1.98 -6.12
C2 VG2 C . -13.25 0.89 -6.72
C3 VG2 C . -14.32 0.39 -5.76
C4 VG2 C . -15.24 1.52 -5.33
C5 VG2 C . -14.44 2.70 -4.82
C6 VG2 C . -13.37 3.12 -5.82
C7 VG2 C . -11.33 2.30 -6.84
C8 VG2 C . -11.09 3.60 -7.29
C9 VG2 C . -9.96 3.89 -8.01
CL VG2 C . -9.67 5.50 -8.54
C11 VG2 C . -9.03 2.90 -8.32
C12 VG2 C . -9.25 1.61 -7.88
N13 VG2 C . -8.33 0.58 -8.17
C14 VG2 C . -8.67 -0.69 -8.40
O15 VG2 C . -9.82 -1.08 -8.37
C16 VG2 C . -7.56 -1.65 -8.65
C17 VG2 C . -6.35 -1.54 -7.96
C18 VG2 C . -5.34 -2.45 -8.16
C19 VG2 C . -4.04 -2.33 -7.39
C20 VG2 C . -5.51 -3.48 -9.06
O21 VG2 C . -4.48 -4.35 -9.25
C22 VG2 C . -3.55 -4.04 -10.33
C23 VG2 C . -2.33 -4.92 -10.17
N24 VG2 C . -2.64 -6.33 -10.48
C28 VG2 C . -6.72 -3.61 -9.79
C29 VG2 C . -6.91 -4.72 -10.78
C30 VG2 C . -7.73 -2.69 -9.56
C31 VG2 C . -10.40 1.31 -7.16
#